data_5OLU
#
_entry.id   5OLU
#
_cell.length_a   137.644
_cell.length_b   137.644
_cell.length_c   83.636
_cell.angle_alpha   90.00
_cell.angle_beta   90.00
_cell.angle_gamma   120.00
#
_symmetry.space_group_name_H-M   'P 63 2 2'
#
loop_
_entity.id
_entity.type
_entity.pdbx_description
1 polymer 'Alpha/beta hydrolase family protein'
2 non-polymer GLYCEROL
3 non-polymer 'CHLORIDE ION'
4 non-polymer DI(HYDROXYETHYL)ETHER
5 non-polymer 'ACETATE ION'
6 water water
#
_entity_poly.entity_id   1
_entity_poly.type   'polypeptide(L)'
_entity_poly.pdbx_seq_one_letter_code
;MRGSHHHHHHGMASMTGGQQMGRDLYDDDDKDHPFTMAFQELSFQSFNGKDNVKAWIYTPIRKPRGIVQVVHGFGEHSRR
YLHMILKFNEAGFVVAADDHVGHGKTAYDSGNWGDWGDKGYMTMAEDEHTLRKIVQEQYPDLPYFMFGHSMGSMIARGYA
ATHGAGLSGLILCGTSGRFPNASKLLPVLKNLIYEGKGQETDLSYLEELMGWMTERIEQPKTPNDWISSDPDIVADHAND
PFNNFTTPPNIRSLYYFVQMMEIIVGTEWAEKVPVSIPIYNIAGDQDPVGQYGEGVYAVSNWLVQTGHHVKTKVYPGHRH
EIHNDRDIRDEVEEGIISFINGIIVK
;
_entity_poly.pdbx_strand_id   A
#
# COMPACT_ATOMS: atom_id res chain seq x y z
N THR A 36 -0.67 -28.34 -8.86
CA THR A 36 -1.23 -27.39 -7.92
C THR A 36 -0.29 -27.16 -6.72
N MET A 37 0.43 -26.04 -6.74
CA MET A 37 1.41 -25.70 -5.71
C MET A 37 0.74 -25.00 -4.54
N ALA A 38 1.21 -25.29 -3.32
CA ALA A 38 0.76 -24.55 -2.16
C ALA A 38 1.66 -23.33 -1.98
N PHE A 39 2.39 -23.27 -0.86
CA PHE A 39 3.30 -22.16 -0.57
C PHE A 39 4.37 -22.00 -1.63
N GLN A 40 4.55 -20.77 -2.12
CA GLN A 40 5.48 -20.49 -3.21
C GLN A 40 6.33 -19.28 -2.90
N GLU A 41 7.59 -19.36 -3.29
CA GLU A 41 8.57 -18.28 -3.17
C GLU A 41 9.10 -18.03 -4.57
N LEU A 42 8.80 -16.86 -5.13
CA LEU A 42 9.04 -16.65 -6.55
C LEU A 42 9.65 -15.27 -6.81
N SER A 43 9.99 -15.05 -8.07
CA SER A 43 10.59 -13.79 -8.47
CA SER A 43 10.58 -13.78 -8.47
C SER A 43 10.18 -13.51 -9.90
N PHE A 44 9.99 -12.22 -10.22
CA PHE A 44 9.74 -11.82 -11.60
C PHE A 44 10.42 -10.48 -11.86
N GLN A 45 10.76 -10.23 -13.13
CA GLN A 45 11.41 -8.97 -13.47
C GLN A 45 10.44 -7.82 -13.36
N SER A 46 10.91 -6.74 -12.74
CA SER A 46 10.13 -5.52 -12.59
C SER A 46 9.88 -4.84 -13.92
N PHE A 47 8.77 -4.10 -13.96
CA PHE A 47 8.50 -3.16 -15.05
C PHE A 47 9.66 -2.18 -15.27
N ASN A 48 10.48 -1.92 -14.25
CA ASN A 48 11.58 -0.98 -14.46
C ASN A 48 12.73 -1.61 -15.24
N GLY A 49 12.66 -2.91 -15.52
CA GLY A 49 13.62 -3.55 -16.38
C GLY A 49 14.93 -3.91 -15.72
N LYS A 50 15.07 -3.70 -14.42
CA LYS A 50 16.33 -4.07 -13.78
C LYS A 50 16.15 -4.88 -12.50
N ASP A 51 15.21 -4.54 -11.63
CA ASP A 51 15.08 -5.24 -10.37
C ASP A 51 14.31 -6.55 -10.57
N ASN A 52 14.71 -7.58 -9.82
CA ASN A 52 13.94 -8.82 -9.72
C ASN A 52 13.09 -8.72 -8.47
N VAL A 53 11.78 -8.66 -8.67
CA VAL A 53 10.82 -8.50 -7.59
C VAL A 53 10.63 -9.84 -6.90
N LYS A 54 10.77 -9.85 -5.58
CA LYS A 54 10.57 -11.06 -4.82
C LYS A 54 9.14 -11.11 -4.30
N ALA A 55 8.52 -12.29 -4.40
CA ALA A 55 7.11 -12.43 -4.08
C ALA A 55 6.83 -13.80 -3.49
N TRP A 56 5.66 -13.91 -2.84
CA TRP A 56 5.21 -15.13 -2.21
C TRP A 56 3.74 -15.33 -2.50
N ILE A 57 3.34 -16.60 -2.61
CA ILE A 57 1.94 -16.99 -2.66
C ILE A 57 1.68 -17.96 -1.53
N TYR A 58 0.61 -17.68 -0.78
CA TYR A 58 0.23 -18.46 0.40
C TYR A 58 -1.16 -19.02 0.14
N THR A 59 -1.31 -20.31 0.24
CA THR A 59 -2.57 -20.94 -0.13
C THR A 59 -3.30 -21.49 1.11
N PRO A 60 -4.62 -21.47 1.11
CA PRO A 60 -5.39 -22.05 2.21
C PRO A 60 -5.33 -23.58 2.18
N ILE A 61 -5.58 -24.21 3.33
CA ILE A 61 -5.75 -25.65 3.28
C ILE A 61 -7.17 -26.00 2.81
N ARG A 62 -8.15 -25.13 3.08
CA ARG A 62 -9.52 -25.40 2.64
C ARG A 62 -9.66 -25.07 1.16
N LYS A 63 -10.74 -25.56 0.57
CA LYS A 63 -10.99 -25.26 -0.84
C LYS A 63 -10.97 -23.75 -1.02
N PRO A 64 -10.18 -23.22 -1.94
CA PRO A 64 -10.11 -21.77 -2.11
C PRO A 64 -11.44 -21.10 -2.50
N ARG A 65 -11.73 -19.96 -1.89
CA ARG A 65 -12.95 -19.21 -2.16
C ARG A 65 -12.68 -17.86 -2.82
N GLY A 66 -11.46 -17.38 -2.68
CA GLY A 66 -11.06 -16.10 -3.23
C GLY A 66 -9.57 -15.87 -3.17
N ILE A 67 -9.13 -14.78 -3.77
CA ILE A 67 -7.72 -14.36 -3.76
C ILE A 67 -7.64 -12.96 -3.17
N VAL A 68 -6.70 -12.73 -2.28
CA VAL A 68 -6.37 -11.38 -1.81
C VAL A 68 -4.90 -11.09 -2.15
N GLN A 69 -4.67 -10.00 -2.87
CA GLN A 69 -3.32 -9.52 -3.14
C GLN A 69 -3.02 -8.39 -2.16
N VAL A 70 -1.96 -8.55 -1.37
CA VAL A 70 -1.61 -7.65 -0.28
C VAL A 70 -0.47 -6.76 -0.75
N VAL A 71 -0.67 -5.44 -0.68
CA VAL A 71 0.27 -4.45 -1.24
C VAL A 71 0.79 -3.59 -0.11
N HIS A 72 2.08 -3.74 0.23
CA HIS A 72 2.65 -3.05 1.39
C HIS A 72 2.97 -1.60 1.04
N GLY A 73 3.31 -0.83 2.10
CA GLY A 73 3.56 0.59 1.97
C GLY A 73 5.03 1.00 1.97
N PHE A 74 5.24 2.31 2.07
CA PHE A 74 6.56 2.90 1.92
C PHE A 74 7.43 2.50 3.09
N GLY A 75 8.62 2.00 2.77
CA GLY A 75 9.63 1.67 3.76
C GLY A 75 9.41 0.38 4.52
N GLU A 76 8.39 -0.40 4.17
CA GLU A 76 8.17 -1.66 4.85
C GLU A 76 8.27 -2.78 3.81
N HIS A 77 7.70 -3.94 4.13
CA HIS A 77 7.82 -5.10 3.25
C HIS A 77 6.66 -6.03 3.55
N SER A 78 6.51 -7.05 2.68
CA SER A 78 5.29 -7.85 2.70
C SER A 78 5.26 -8.87 3.83
N ARG A 79 6.40 -9.27 4.35
CA ARG A 79 6.39 -10.29 5.38
C ARG A 79 6.09 -9.72 6.76
N ARG A 80 5.90 -8.41 6.88
CA ARG A 80 5.26 -7.89 8.08
C ARG A 80 3.81 -8.34 8.19
N TYR A 81 3.22 -8.78 7.08
CA TYR A 81 1.81 -9.08 7.01
C TYR A 81 1.48 -10.53 7.29
N LEU A 82 2.42 -11.33 7.83
CA LEU A 82 2.14 -12.75 7.99
C LEU A 82 0.89 -13.01 8.82
N HIS A 83 0.67 -12.26 9.90
CA HIS A 83 -0.50 -12.55 10.73
C HIS A 83 -1.77 -12.41 9.92
N MET A 84 -1.89 -11.31 9.18
CA MET A 84 -3.07 -11.08 8.34
C MET A 84 -3.18 -12.14 7.25
N ILE A 85 -2.05 -12.46 6.62
CA ILE A 85 -2.03 -13.43 5.52
C ILE A 85 -2.56 -14.78 6.01
N LEU A 86 -2.07 -15.22 7.17
CA LEU A 86 -2.55 -16.49 7.72
C LEU A 86 -4.04 -16.43 8.01
N LYS A 87 -4.53 -15.31 8.58
CA LYS A 87 -5.96 -15.18 8.80
C LYS A 87 -6.74 -15.29 7.50
N PHE A 88 -6.27 -14.62 6.43
CA PHE A 88 -6.91 -14.76 5.13
C PHE A 88 -6.90 -16.22 4.68
N ASN A 89 -5.77 -16.92 4.84
CA ASN A 89 -5.71 -18.33 4.47
C ASN A 89 -6.77 -19.15 5.23
N GLU A 90 -6.90 -18.90 6.53
CA GLU A 90 -7.87 -19.64 7.32
C GLU A 90 -9.29 -19.34 6.88
N ALA A 91 -9.53 -18.16 6.31
CA ALA A 91 -10.83 -17.83 5.74
C ALA A 91 -11.08 -18.49 4.39
N GLY A 92 -10.09 -19.17 3.83
CA GLY A 92 -10.21 -19.80 2.53
C GLY A 92 -9.65 -19.00 1.37
N PHE A 93 -8.82 -17.99 1.62
CA PHE A 93 -8.30 -17.14 0.56
C PHE A 93 -6.85 -17.49 0.23
N VAL A 94 -6.56 -17.60 -1.07
CA VAL A 94 -5.20 -17.50 -1.56
C VAL A 94 -4.70 -16.08 -1.39
N VAL A 95 -3.43 -15.92 -1.00
CA VAL A 95 -2.85 -14.60 -0.79
C VAL A 95 -1.57 -14.50 -1.62
N ALA A 96 -1.42 -13.40 -2.35
CA ALA A 96 -0.20 -13.10 -3.10
C ALA A 96 0.32 -11.77 -2.61
N ALA A 97 1.64 -11.70 -2.40
CA ALA A 97 2.26 -10.44 -2.00
C ALA A 97 3.70 -10.38 -2.49
N ASP A 98 4.13 -9.19 -2.91
CA ASP A 98 5.53 -8.97 -3.26
C ASP A 98 6.14 -7.86 -2.43
N ASP A 99 7.47 -7.87 -2.38
CA ASP A 99 8.27 -6.74 -1.90
C ASP A 99 8.53 -5.84 -3.10
N HIS A 100 8.03 -4.61 -3.05
CA HIS A 100 8.10 -3.73 -4.20
C HIS A 100 9.56 -3.33 -4.48
N VAL A 101 9.78 -2.78 -5.68
CA VAL A 101 11.12 -2.30 -5.99
C VAL A 101 11.53 -1.31 -4.91
N GLY A 102 12.80 -1.33 -4.56
CA GLY A 102 13.32 -0.47 -3.52
C GLY A 102 12.98 -0.90 -2.11
N HIS A 103 12.35 -2.07 -1.92
CA HIS A 103 11.83 -2.48 -0.62
C HIS A 103 12.17 -3.94 -0.32
N GLY A 104 12.29 -4.25 0.97
CA GLY A 104 12.30 -5.62 1.43
C GLY A 104 13.36 -6.48 0.77
N LYS A 105 12.99 -7.74 0.51
CA LYS A 105 13.94 -8.69 -0.04
C LYS A 105 14.32 -8.34 -1.47
N THR A 106 13.43 -7.65 -2.18
CA THR A 106 13.76 -7.16 -3.51
C THR A 106 14.96 -6.22 -3.46
N ALA A 107 14.92 -5.28 -2.52
CA ALA A 107 16.02 -4.34 -2.33
C ALA A 107 17.26 -5.05 -1.77
N TYR A 108 17.08 -5.96 -0.82
CA TYR A 108 18.23 -6.61 -0.23
C TYR A 108 19.00 -7.43 -1.27
N ASP A 109 18.29 -8.22 -2.07
CA ASP A 109 18.94 -9.08 -3.04
C ASP A 109 19.57 -8.27 -4.17
N SER A 110 19.02 -7.12 -4.50
CA SER A 110 19.57 -6.30 -5.57
C SER A 110 20.57 -5.26 -5.06
N GLY A 111 20.57 -4.97 -3.77
CA GLY A 111 21.33 -3.85 -3.24
C GLY A 111 20.74 -2.49 -3.57
N ASN A 112 19.56 -2.45 -4.15
CA ASN A 112 18.94 -1.21 -4.60
C ASN A 112 17.80 -0.82 -3.67
N TRP A 113 18.07 0.11 -2.75
CA TRP A 113 17.06 0.61 -1.84
C TRP A 113 16.50 1.97 -2.24
N GLY A 114 17.21 2.72 -3.08
CA GLY A 114 16.88 4.12 -3.32
C GLY A 114 16.37 4.48 -4.70
N ASP A 115 16.40 3.56 -5.67
CA ASP A 115 16.08 3.93 -7.04
C ASP A 115 14.98 3.02 -7.59
N TRP A 116 13.78 3.58 -7.73
CA TRP A 116 12.69 2.79 -8.29
C TRP A 116 12.79 2.66 -9.81
N GLY A 117 13.74 3.35 -10.43
CA GLY A 117 14.05 3.15 -11.83
C GLY A 117 13.60 4.31 -12.70
N ASP A 118 13.72 4.10 -14.01
CA ASP A 118 13.49 5.14 -14.99
C ASP A 118 12.22 4.95 -15.81
N LYS A 119 11.27 4.13 -15.35
CA LYS A 119 10.09 3.82 -16.15
C LYS A 119 8.82 4.49 -15.65
N GLY A 120 8.90 5.35 -14.64
CA GLY A 120 7.78 6.21 -14.29
C GLY A 120 6.98 5.69 -13.11
N TYR A 121 6.08 6.55 -12.64
CA TYR A 121 5.39 6.29 -11.37
C TYR A 121 4.49 5.05 -11.43
N MET A 122 4.12 4.59 -12.64
CA MET A 122 3.28 3.40 -12.74
C MET A 122 4.04 2.11 -12.42
N THR A 123 5.35 2.18 -12.18
CA THR A 123 6.18 0.98 -12.05
C THR A 123 5.60 0.02 -11.01
N MET A 124 5.28 0.50 -9.81
CA MET A 124 4.81 -0.41 -8.77
C MET A 124 3.44 -1.02 -9.10
N ALA A 125 2.53 -0.23 -9.66
CA ALA A 125 1.24 -0.80 -10.08
C ALA A 125 1.43 -1.87 -11.15
N GLU A 126 2.35 -1.64 -12.09
CA GLU A 126 2.61 -2.63 -13.13
C GLU A 126 3.19 -3.91 -12.55
N ASP A 127 4.03 -3.80 -11.53
CA ASP A 127 4.55 -5.00 -10.89
C ASP A 127 3.45 -5.74 -10.14
N GLU A 128 2.50 -5.01 -9.53
CA GLU A 128 1.33 -5.67 -8.95
C GLU A 128 0.54 -6.38 -10.03
N HIS A 129 0.45 -5.78 -11.23
CA HIS A 129 -0.27 -6.44 -12.31
C HIS A 129 0.41 -7.76 -12.69
N THR A 130 1.74 -7.77 -12.77
CA THR A 130 2.46 -9.01 -13.07
C THR A 130 2.16 -10.10 -12.05
N LEU A 131 2.16 -9.73 -10.78
CA LEU A 131 1.88 -10.71 -9.73
C LEU A 131 0.45 -11.21 -9.83
N ARG A 132 -0.48 -10.30 -10.12
CA ARG A 132 -1.87 -10.71 -10.30
C ARG A 132 -1.98 -11.78 -11.38
N LYS A 133 -1.35 -11.55 -12.53
CA LYS A 133 -1.46 -12.49 -13.62
C LYS A 133 -0.85 -13.85 -13.25
N ILE A 134 0.19 -13.86 -12.41
CA ILE A 134 0.77 -15.11 -11.96
C ILE A 134 -0.24 -15.89 -11.12
N VAL A 135 -0.85 -15.23 -10.14
CA VAL A 135 -1.71 -15.96 -9.20
C VAL A 135 -3.02 -16.35 -9.88
N GLN A 136 -3.52 -15.53 -10.80
CA GLN A 136 -4.77 -15.87 -11.48
C GLN A 136 -4.57 -16.95 -12.54
N GLU A 137 -3.37 -17.10 -13.07
CA GLU A 137 -3.10 -18.24 -13.96
C GLU A 137 -3.24 -19.54 -13.19
N GLN A 138 -2.87 -19.52 -11.91
CA GLN A 138 -3.04 -20.71 -11.06
C GLN A 138 -4.48 -20.88 -10.60
N TYR A 139 -5.17 -19.78 -10.34
CA TYR A 139 -6.53 -19.76 -9.78
C TYR A 139 -7.41 -18.87 -10.63
N PRO A 140 -7.78 -19.32 -11.84
CA PRO A 140 -8.39 -18.42 -12.83
C PRO A 140 -9.84 -18.03 -12.54
N ASP A 141 -10.56 -18.81 -11.74
CA ASP A 141 -11.99 -18.61 -11.54
C ASP A 141 -12.35 -18.02 -10.18
N LEU A 142 -11.39 -17.70 -9.35
CA LEU A 142 -11.73 -17.18 -8.03
C LEU A 142 -11.95 -15.67 -8.04
N PRO A 143 -12.86 -15.16 -7.21
CA PRO A 143 -12.96 -13.71 -7.05
C PRO A 143 -11.69 -13.11 -6.48
N TYR A 144 -11.32 -11.95 -7.01
CA TYR A 144 -10.01 -11.36 -6.78
C TYR A 144 -10.16 -10.02 -6.07
N PHE A 145 -9.42 -9.86 -4.98
CA PHE A 145 -9.48 -8.67 -4.14
C PHE A 145 -8.07 -8.11 -3.98
N MET A 146 -7.96 -6.79 -3.90
CA MET A 146 -6.69 -6.13 -3.64
C MET A 146 -6.78 -5.33 -2.34
N PHE A 147 -5.82 -5.57 -1.46
CA PHE A 147 -5.67 -4.86 -0.20
C PHE A 147 -4.40 -4.04 -0.27
N GLY A 148 -4.47 -2.76 0.09
CA GLY A 148 -3.28 -1.93 0.13
C GLY A 148 -3.26 -1.07 1.37
N HIS A 149 -2.10 -0.99 2.02
CA HIS A 149 -1.89 -0.13 3.17
C HIS A 149 -0.92 0.99 2.84
N SER A 150 -1.33 2.23 3.12
CA SER A 150 -0.51 3.43 3.01
C SER A 150 -0.09 3.63 1.55
N MET A 151 1.20 3.71 1.22
CA MET A 151 1.56 3.76 -0.19
C MET A 151 0.99 2.57 -0.95
N GLY A 152 0.82 1.43 -0.27
CA GLY A 152 0.16 0.30 -0.88
C GLY A 152 -1.28 0.60 -1.26
N SER A 153 -1.98 1.39 -0.45
CA SER A 153 -3.31 1.86 -0.82
C SER A 153 -3.27 2.86 -1.98
N MET A 154 -2.20 3.67 -2.06
CA MET A 154 -2.04 4.55 -3.22
C MET A 154 -1.82 3.75 -4.49
N ILE A 155 -0.96 2.73 -4.42
CA ILE A 155 -0.76 1.82 -5.55
C ILE A 155 -2.07 1.17 -5.94
N ALA A 156 -2.82 0.68 -4.94
CA ALA A 156 -4.06 -0.04 -5.22
C ALA A 156 -5.11 0.88 -5.81
N ARG A 157 -5.15 2.14 -5.36
CA ARG A 157 -6.09 3.10 -5.93
C ARG A 157 -5.75 3.44 -7.37
N GLY A 158 -4.46 3.63 -7.67
CA GLY A 158 -4.05 3.84 -9.05
C GLY A 158 -4.28 2.60 -9.88
N TYR A 159 -4.02 1.44 -9.29
CA TYR A 159 -4.25 0.18 -9.98
C TYR A 159 -5.72 0.00 -10.33
N ALA A 160 -6.63 0.35 -9.40
CA ALA A 160 -8.04 0.18 -9.68
C ALA A 160 -8.51 1.07 -10.82
N ALA A 161 -7.79 2.16 -11.08
CA ALA A 161 -8.13 3.06 -12.18
C ALA A 161 -7.47 2.69 -13.50
N THR A 162 -6.47 1.83 -13.49
CA THR A 162 -5.73 1.49 -14.70
C THR A 162 -5.87 0.03 -15.10
N HIS A 163 -6.06 -0.86 -14.15
CA HIS A 163 -6.13 -2.29 -14.35
C HIS A 163 -7.26 -2.90 -13.53
N GLY A 164 -8.31 -2.12 -13.25
CA GLY A 164 -9.33 -2.53 -12.30
C GLY A 164 -10.29 -3.59 -12.80
N ALA A 165 -10.33 -3.83 -14.11
CA ALA A 165 -11.23 -4.86 -14.63
C ALA A 165 -10.99 -6.18 -13.91
N GLY A 166 -12.08 -6.83 -13.51
CA GLY A 166 -11.99 -8.12 -12.87
C GLY A 166 -11.79 -8.11 -11.38
N LEU A 167 -11.63 -6.94 -10.75
CA LEU A 167 -11.56 -6.86 -9.30
C LEU A 167 -12.94 -7.01 -8.71
N SER A 168 -13.06 -7.89 -7.72
CA SER A 168 -14.29 -8.05 -6.98
C SER A 168 -14.38 -7.11 -5.78
N GLY A 169 -13.29 -6.51 -5.36
CA GLY A 169 -13.32 -5.61 -4.22
C GLY A 169 -11.94 -5.02 -3.98
N LEU A 170 -11.96 -3.87 -3.31
CA LEU A 170 -10.75 -3.10 -3.04
C LEU A 170 -10.76 -2.70 -1.57
N ILE A 171 -9.67 -2.99 -0.86
CA ILE A 171 -9.56 -2.64 0.56
C ILE A 171 -8.41 -1.66 0.71
N LEU A 172 -8.73 -0.48 1.26
CA LEU A 172 -7.78 0.59 1.49
C LEU A 172 -7.55 0.71 2.98
N CYS A 173 -6.29 0.71 3.40
CA CYS A 173 -5.90 0.87 4.80
C CYS A 173 -4.91 2.02 4.88
N GLY A 174 -5.10 2.93 5.83
CA GLY A 174 -4.13 3.98 6.05
C GLY A 174 -3.93 4.88 4.84
N THR A 175 -5.02 5.19 4.14
CA THR A 175 -4.90 5.93 2.90
C THR A 175 -4.92 7.44 3.13
N SER A 176 -4.60 8.18 2.06
CA SER A 176 -4.43 9.62 2.11
C SER A 176 -5.53 10.35 1.35
N GLY A 177 -5.88 11.53 1.85
CA GLY A 177 -6.62 12.48 1.06
C GLY A 177 -5.60 13.32 0.31
N ARG A 178 -5.83 14.62 0.27
CA ARG A 178 -4.81 15.52 -0.25
C ARG A 178 -3.65 15.57 0.75
N PHE A 179 -2.52 14.96 0.37
CA PHE A 179 -1.40 14.77 1.30
C PHE A 179 -0.58 16.06 1.39
N PRO A 180 -0.35 16.58 2.59
CA PRO A 180 0.33 17.88 2.72
C PRO A 180 1.66 17.92 1.98
N ASN A 181 1.88 19.02 1.26
CA ASN A 181 3.12 19.38 0.57
C ASN A 181 3.33 18.57 -0.72
N ALA A 182 2.52 17.56 -1.01
CA ALA A 182 2.73 16.76 -2.21
C ALA A 182 2.58 17.61 -3.47
N SER A 183 1.52 18.42 -3.54
CA SER A 183 1.27 19.17 -4.76
C SER A 183 2.35 20.22 -5.00
N LYS A 184 2.96 20.75 -3.93
CA LYS A 184 4.00 21.75 -4.12
C LYS A 184 5.30 21.13 -4.58
N LEU A 185 5.63 19.93 -4.08
CA LEU A 185 6.91 19.30 -4.43
C LEU A 185 6.90 18.76 -5.85
N LEU A 186 5.74 18.42 -6.38
CA LEU A 186 5.67 17.77 -7.69
C LEU A 186 6.39 18.56 -8.77
N PRO A 187 6.12 19.85 -8.99
CA PRO A 187 6.90 20.59 -10.00
C PRO A 187 8.36 20.77 -9.64
N VAL A 188 8.67 20.95 -8.35
CA VAL A 188 10.05 21.09 -7.91
C VAL A 188 10.86 19.85 -8.33
N LEU A 189 10.36 18.67 -7.98
CA LEU A 189 11.07 17.44 -8.33
C LEU A 189 11.12 17.23 -9.82
N LYS A 190 10.02 17.51 -10.52
CA LYS A 190 10.02 17.36 -11.98
C LYS A 190 11.14 18.18 -12.60
N ASN A 191 11.31 19.42 -12.14
CA ASN A 191 12.37 20.28 -12.69
C ASN A 191 13.75 19.69 -12.43
N LEU A 192 13.98 19.17 -11.22
CA LEU A 192 15.27 18.57 -10.91
C LEU A 192 15.57 17.39 -11.81
N ILE A 193 14.55 16.62 -12.19
CA ILE A 193 14.77 15.54 -13.14
C ILE A 193 15.17 16.11 -14.49
N TYR A 194 14.44 17.12 -14.96
CA TYR A 194 14.74 17.72 -16.25
C TYR A 194 16.13 18.36 -16.23
N GLU A 195 16.55 18.88 -15.09
CA GLU A 195 17.93 19.37 -14.94
C GLU A 195 18.94 18.22 -14.81
N GLY A 196 18.51 16.97 -14.89
CA GLY A 196 19.43 15.85 -14.87
C GLY A 196 19.80 15.33 -13.49
N LYS A 197 19.05 15.69 -12.45
CA LYS A 197 19.41 15.31 -11.09
C LYS A 197 18.57 14.14 -10.55
N GLY A 198 17.87 13.41 -11.42
CA GLY A 198 16.92 12.42 -10.95
C GLY A 198 17.55 11.28 -10.16
N GLN A 199 18.82 10.96 -10.42
CA GLN A 199 19.46 9.87 -9.71
C GLN A 199 20.26 10.36 -8.51
N GLU A 200 20.30 11.67 -8.29
CA GLU A 200 20.85 12.19 -7.06
C GLU A 200 19.87 12.00 -5.92
N THR A 201 20.38 12.07 -4.71
CA THR A 201 19.56 11.93 -3.51
C THR A 201 19.66 13.21 -2.69
N ASP A 202 18.51 13.76 -2.31
CA ASP A 202 18.43 14.94 -1.47
C ASP A 202 17.40 14.63 -0.39
N LEU A 203 17.89 14.36 0.81
CA LEU A 203 17.02 14.00 1.92
C LEU A 203 16.06 15.12 2.28
N SER A 204 16.43 16.37 2.01
CA SER A 204 15.63 17.50 2.48
C SER A 204 14.23 17.50 1.88
N TYR A 205 14.07 16.96 0.67
CA TYR A 205 12.73 16.93 0.08
C TYR A 205 11.86 15.90 0.78
N LEU A 206 12.44 14.79 1.21
CA LEU A 206 11.66 13.82 1.96
C LEU A 206 11.25 14.39 3.31
N GLU A 207 12.15 15.16 3.95
CA GLU A 207 11.81 15.80 5.21
C GLU A 207 10.69 16.80 5.03
N GLU A 208 10.68 17.52 3.91
CA GLU A 208 9.59 18.44 3.63
C GLU A 208 8.28 17.68 3.51
N LEU A 209 8.33 16.53 2.84
CA LEU A 209 7.13 15.75 2.57
C LEU A 209 6.60 15.09 3.84
N MET A 210 7.48 14.58 4.72
CA MET A 210 7.06 13.73 5.83
C MET A 210 7.45 14.24 7.21
N GLY A 211 8.25 15.31 7.32
CA GLY A 211 8.77 15.72 8.61
C GLY A 211 7.71 16.20 9.59
N TRP A 212 6.54 16.61 9.10
CA TRP A 212 5.45 17.15 9.90
C TRP A 212 4.59 16.09 10.60
N MET A 213 4.84 14.81 10.37
CA MET A 213 3.83 13.81 10.67
C MET A 213 3.70 13.50 12.16
N THR A 214 4.61 13.95 13.02
CA THR A 214 4.46 13.76 14.45
C THR A 214 3.85 14.98 15.12
N GLU A 215 3.18 15.86 14.35
CA GLU A 215 2.78 17.18 14.85
C GLU A 215 1.81 17.07 16.03
N ARG A 216 0.97 16.03 16.06
CA ARG A 216 -0.01 15.87 17.13
C ARG A 216 0.54 15.16 18.36
N ILE A 217 1.75 14.64 18.29
CA ILE A 217 2.28 13.77 19.33
C ILE A 217 3.12 14.60 20.29
N GLU A 218 2.81 14.50 21.58
CA GLU A 218 3.61 15.15 22.61
C GLU A 218 4.90 14.38 22.85
N GLN A 219 6.02 15.09 22.75
CA GLN A 219 7.33 14.51 23.04
C GLN A 219 7.55 13.21 22.26
N PRO A 220 7.44 13.22 20.93
CA PRO A 220 7.67 11.99 20.17
C PRO A 220 9.11 11.52 20.33
N LYS A 221 9.25 10.25 20.69
CA LYS A 221 10.59 9.69 20.88
C LYS A 221 11.32 9.52 19.55
N THR A 222 10.60 9.33 18.46
CA THR A 222 11.23 9.19 17.14
C THR A 222 10.39 9.93 16.12
N PRO A 223 10.96 10.28 14.98
CA PRO A 223 10.18 10.90 13.90
C PRO A 223 9.17 9.97 13.28
N ASN A 224 9.20 8.69 13.61
CA ASN A 224 8.26 7.74 13.04
C ASN A 224 7.20 7.31 14.03
N ASP A 225 6.99 8.09 15.11
CA ASP A 225 5.99 7.71 16.10
C ASP A 225 4.57 7.76 15.57
N TRP A 226 4.36 8.36 14.40
CA TRP A 226 3.02 8.34 13.79
C TRP A 226 2.64 6.95 13.30
N ILE A 227 3.58 6.01 13.26
CA ILE A 227 3.30 4.63 12.86
C ILE A 227 2.29 3.98 13.79
N SER A 228 2.46 4.18 15.10
CA SER A 228 1.60 3.54 16.09
C SER A 228 1.82 4.22 17.43
N SER A 229 0.76 4.26 18.22
CA SER A 229 0.90 4.74 19.59
C SER A 229 1.52 3.68 20.51
N ASP A 230 1.72 2.47 20.02
CA ASP A 230 2.46 1.44 20.74
C ASP A 230 3.95 1.58 20.43
N PRO A 231 4.78 2.03 21.36
CA PRO A 231 6.21 2.17 21.05
C PRO A 231 6.86 0.87 20.64
N ASP A 232 6.33 -0.28 21.07
CA ASP A 232 6.92 -1.56 20.68
C ASP A 232 6.75 -1.82 19.18
N ILE A 233 5.62 -1.41 18.60
CA ILE A 233 5.42 -1.57 17.16
C ILE A 233 6.39 -0.67 16.40
N VAL A 234 6.56 0.58 16.87
CA VAL A 234 7.50 1.51 16.22
C VAL A 234 8.91 0.98 16.32
N ALA A 235 9.30 0.48 17.49
CA ALA A 235 10.66 -0.03 17.67
C ALA A 235 10.92 -1.26 16.81
N ASP A 236 9.96 -2.18 16.74
CA ASP A 236 10.11 -3.34 15.88
C ASP A 236 10.26 -2.92 14.43
N HIS A 237 9.47 -1.94 13.99
CA HIS A 237 9.60 -1.42 12.64
C HIS A 237 11.00 -0.88 12.39
N ALA A 238 11.56 -0.17 13.38
CA ALA A 238 12.90 0.37 13.27
C ALA A 238 13.97 -0.70 13.21
N ASN A 239 13.76 -1.82 13.89
CA ASN A 239 14.79 -2.85 14.04
C ASN A 239 14.70 -3.94 12.97
N ASP A 240 13.67 -3.93 12.15
CA ASP A 240 13.45 -4.92 11.11
C ASP A 240 14.32 -4.57 9.91
N PRO A 241 15.31 -5.40 9.55
CA PRO A 241 16.24 -5.03 8.47
C PRO A 241 15.62 -5.06 7.09
N PHE A 242 14.42 -5.57 6.94
CA PHE A 242 13.73 -5.51 5.65
C PHE A 242 12.91 -4.24 5.51
N ASN A 243 12.76 -3.46 6.58
CA ASN A 243 12.23 -2.11 6.48
C ASN A 243 13.37 -1.15 6.14
N ASN A 244 13.02 0.03 5.64
CA ASN A 244 14.05 1.01 5.27
C ASN A 244 13.52 2.42 5.47
N PHE A 245 13.96 3.05 6.56
CA PHE A 245 13.91 4.49 6.73
C PHE A 245 15.33 5.03 6.92
N THR A 246 16.30 4.39 6.30
CA THR A 246 17.71 4.79 6.39
C THR A 246 18.26 5.31 5.07
N THR A 247 18.03 4.59 3.96
CA THR A 247 18.43 5.05 2.63
C THR A 247 17.24 5.77 2.02
N PRO A 248 17.31 7.06 1.77
CA PRO A 248 16.16 7.75 1.19
C PRO A 248 16.06 7.44 -0.29
N PRO A 249 14.88 7.59 -0.88
CA PRO A 249 14.77 7.47 -2.33
C PRO A 249 15.49 8.61 -3.03
N ASN A 250 15.97 8.34 -4.24
CA ASN A 250 16.54 9.42 -5.03
C ASN A 250 15.42 10.34 -5.52
N ILE A 251 15.82 11.39 -6.25
CA ILE A 251 14.88 12.44 -6.60
C ILE A 251 13.77 11.91 -7.51
N ARG A 252 14.13 11.08 -8.50
CA ARG A 252 13.09 10.63 -9.41
C ARG A 252 12.12 9.69 -8.71
N SER A 253 12.61 8.88 -7.78
CA SER A 253 11.72 7.99 -7.03
C SER A 253 10.80 8.79 -6.11
N LEU A 254 11.32 9.85 -5.49
CA LEU A 254 10.45 10.73 -4.71
C LEU A 254 9.42 11.40 -5.61
N TYR A 255 9.83 11.80 -6.82
CA TYR A 255 8.88 12.31 -7.80
C TYR A 255 7.76 11.30 -8.05
N TYR A 256 8.11 10.03 -8.27
CA TYR A 256 7.11 8.99 -8.48
C TYR A 256 6.15 8.93 -7.30
N PHE A 257 6.71 8.96 -6.08
CA PHE A 257 5.89 8.86 -4.87
C PHE A 257 4.85 9.98 -4.82
N VAL A 258 5.27 11.21 -5.13
CA VAL A 258 4.31 12.32 -5.04
C VAL A 258 3.36 12.28 -6.21
N GLN A 259 3.79 11.78 -7.37
CA GLN A 259 2.88 11.52 -8.47
C GLN A 259 1.79 10.53 -8.07
N MET A 260 2.19 9.44 -7.39
CA MET A 260 1.22 8.46 -6.94
C MET A 260 0.23 9.06 -5.95
N MET A 261 0.69 10.01 -5.13
CA MET A 261 -0.18 10.69 -4.18
C MET A 261 -1.20 11.57 -4.87
N GLU A 262 -0.79 12.22 -5.95
CA GLU A 262 -1.59 13.25 -6.57
C GLU A 262 -2.51 12.72 -7.66
N ILE A 263 -2.12 11.65 -8.36
CA ILE A 263 -2.96 11.10 -9.43
C ILE A 263 -4.23 10.46 -8.91
N ILE A 264 -4.32 10.18 -7.61
CA ILE A 264 -5.51 9.51 -7.05
C ILE A 264 -6.42 10.49 -6.30
N VAL A 265 -6.20 11.79 -6.44
CA VAL A 265 -7.01 12.76 -5.72
C VAL A 265 -8.30 13.07 -6.48
N GLY A 266 -9.40 13.10 -5.73
CA GLY A 266 -10.63 13.73 -6.15
C GLY A 266 -11.54 12.83 -6.95
N THR A 267 -12.69 13.39 -7.33
CA THR A 267 -13.62 12.63 -8.17
C THR A 267 -13.04 12.37 -9.55
N GLU A 268 -12.05 13.16 -9.96
CA GLU A 268 -11.40 12.91 -11.24
C GLU A 268 -10.75 11.53 -11.24
N TRP A 269 -10.13 11.15 -10.13
CA TRP A 269 -9.63 9.78 -9.95
C TRP A 269 -10.78 8.79 -9.77
N ALA A 270 -11.71 9.10 -8.88
CA ALA A 270 -12.70 8.10 -8.48
C ALA A 270 -13.54 7.64 -9.66
N GLU A 271 -13.83 8.54 -10.61
CA GLU A 271 -14.61 8.16 -11.79
C GLU A 271 -13.92 7.14 -12.66
N LYS A 272 -12.60 7.02 -12.56
CA LYS A 272 -11.88 6.04 -13.36
C LYS A 272 -12.01 4.62 -12.79
N VAL A 273 -12.45 4.48 -11.54
CA VAL A 273 -12.54 3.19 -10.88
C VAL A 273 -13.94 2.62 -11.18
N PRO A 274 -14.05 1.44 -11.79
CA PRO A 274 -15.39 0.90 -12.09
C PRO A 274 -16.24 0.77 -10.83
N VAL A 275 -17.52 1.14 -10.97
CA VAL A 275 -18.43 1.07 -9.83
C VAL A 275 -18.76 -0.37 -9.49
N SER A 276 -18.38 -1.30 -10.35
CA SER A 276 -18.50 -2.71 -10.04
C SER A 276 -17.58 -3.15 -8.91
N ILE A 277 -16.62 -2.32 -8.49
CA ILE A 277 -15.67 -2.68 -7.45
C ILE A 277 -16.14 -2.02 -6.14
N PRO A 278 -16.66 -2.78 -5.18
CA PRO A 278 -16.96 -2.17 -3.88
C PRO A 278 -15.68 -1.89 -3.12
N ILE A 279 -15.73 -0.91 -2.23
CA ILE A 279 -14.54 -0.45 -1.53
C ILE A 279 -14.77 -0.54 -0.03
N TYR A 280 -13.73 -0.99 0.69
CA TYR A 280 -13.68 -0.97 2.15
C TYR A 280 -12.50 -0.07 2.50
N ASN A 281 -12.74 0.94 3.32
CA ASN A 281 -11.78 2.03 3.56
C ASN A 281 -11.61 2.16 5.07
N ILE A 282 -10.42 1.83 5.58
CA ILE A 282 -10.19 1.76 7.02
C ILE A 282 -8.94 2.52 7.42
N ALA A 283 -8.98 3.11 8.62
CA ALA A 283 -7.85 3.89 9.11
C ALA A 283 -8.04 4.19 10.59
N GLY A 284 -6.98 4.72 11.21
CA GLY A 284 -7.05 5.28 12.53
C GLY A 284 -7.20 6.78 12.50
N ASP A 285 -7.93 7.35 13.47
CA ASP A 285 -8.23 8.78 13.36
C ASP A 285 -7.14 9.66 13.95
N GLN A 286 -6.05 9.08 14.43
CA GLN A 286 -4.86 9.84 14.79
C GLN A 286 -3.76 9.67 13.73
N ASP A 287 -4.11 9.15 12.57
CA ASP A 287 -3.15 8.91 11.49
C ASP A 287 -2.97 10.18 10.65
N PRO A 288 -1.77 10.78 10.61
CA PRO A 288 -1.58 11.97 9.76
C PRO A 288 -1.70 11.68 8.30
N VAL A 289 -1.44 10.44 7.86
CA VAL A 289 -1.44 10.13 6.43
C VAL A 289 -2.82 10.40 5.82
N GLY A 290 -3.89 10.13 6.58
CA GLY A 290 -5.26 10.36 6.14
C GLY A 290 -5.88 11.59 6.76
N GLN A 291 -5.05 12.54 7.20
CA GLN A 291 -5.51 13.79 7.78
C GLN A 291 -6.47 13.51 8.93
N TYR A 292 -6.10 12.55 9.77
CA TYR A 292 -6.77 12.30 11.06
C TYR A 292 -8.25 12.02 10.87
N GLY A 293 -8.56 11.06 9.99
CA GLY A 293 -9.92 10.66 9.67
C GLY A 293 -10.59 11.49 8.60
N GLU A 294 -10.24 12.76 8.48
CA GLU A 294 -10.93 13.64 7.56
C GLU A 294 -10.60 13.30 6.12
N GLY A 295 -9.34 13.01 5.83
CA GLY A 295 -8.95 12.67 4.46
C GLY A 295 -9.47 11.31 4.05
N VAL A 296 -9.54 10.38 5.01
CA VAL A 296 -10.10 9.06 4.76
C VAL A 296 -11.55 9.18 4.34
N TYR A 297 -12.34 9.95 5.10
CA TYR A 297 -13.73 10.13 4.70
C TYR A 297 -13.86 10.96 3.43
N ALA A 298 -12.90 11.87 3.15
CA ALA A 298 -12.94 12.55 1.86
C ALA A 298 -12.81 11.56 0.70
N VAL A 299 -11.92 10.57 0.84
CA VAL A 299 -11.76 9.54 -0.19
C VAL A 299 -13.06 8.76 -0.34
N SER A 300 -13.65 8.34 0.77
CA SER A 300 -14.92 7.64 0.69
C SER A 300 -15.96 8.48 -0.02
N ASN A 301 -16.03 9.78 0.30
CA ASN A 301 -16.99 10.66 -0.34
C ASN A 301 -16.75 10.81 -1.84
N TRP A 302 -15.48 10.94 -2.26
CA TRP A 302 -15.20 11.01 -3.69
C TRP A 302 -15.75 9.78 -4.39
N LEU A 303 -15.60 8.63 -3.77
CA LEU A 303 -16.08 7.39 -4.36
C LEU A 303 -17.60 7.29 -4.34
N VAL A 304 -18.24 7.62 -3.21
CA VAL A 304 -19.71 7.57 -3.17
C VAL A 304 -20.31 8.56 -4.15
N GLN A 305 -19.73 9.76 -4.23
CA GLN A 305 -20.27 10.78 -5.14
C GLN A 305 -20.22 10.33 -6.60
N THR A 306 -19.33 9.41 -6.94
CA THR A 306 -19.20 8.93 -8.30
C THR A 306 -19.87 7.57 -8.49
N GLY A 307 -20.66 7.13 -7.52
CA GLY A 307 -21.53 5.98 -7.71
C GLY A 307 -21.03 4.67 -7.13
N HIS A 308 -19.98 4.70 -6.33
CA HIS A 308 -19.41 3.48 -5.79
C HIS A 308 -20.11 3.05 -4.50
N HIS A 309 -20.06 1.76 -4.23
CA HIS A 309 -20.51 1.21 -2.95
C HIS A 309 -19.31 1.21 -2.01
N VAL A 310 -19.39 1.96 -0.91
CA VAL A 310 -18.26 2.15 -0.02
C VAL A 310 -18.67 1.84 1.41
N LYS A 311 -17.81 1.13 2.11
CA LYS A 311 -17.91 0.86 3.54
C LYS A 311 -16.66 1.41 4.19
N THR A 312 -16.82 2.25 5.20
CA THR A 312 -15.70 2.92 5.85
C THR A 312 -15.68 2.55 7.33
N LYS A 313 -14.49 2.43 7.91
CA LYS A 313 -14.42 2.32 9.36
C LYS A 313 -13.17 3.03 9.83
N VAL A 314 -13.36 4.05 10.66
CA VAL A 314 -12.25 4.78 11.25
C VAL A 314 -12.20 4.44 12.73
N TYR A 315 -11.03 3.97 13.16
CA TYR A 315 -10.83 3.47 14.51
C TYR A 315 -10.35 4.62 15.40
N PRO A 316 -11.13 5.04 16.38
CA PRO A 316 -10.74 6.20 17.19
C PRO A 316 -9.51 5.92 18.04
N GLY A 317 -8.63 6.91 18.11
CA GLY A 317 -7.50 6.88 19.03
C GLY A 317 -6.32 6.09 18.54
N HIS A 318 -6.36 5.59 17.30
CA HIS A 318 -5.26 4.82 16.73
C HIS A 318 -4.56 5.64 15.66
N ARG A 319 -3.24 5.47 15.58
CA ARG A 319 -2.42 6.10 14.56
C ARG A 319 -2.45 5.24 13.30
N HIS A 320 -1.33 5.15 12.59
CA HIS A 320 -1.36 4.72 11.18
C HIS A 320 -1.60 3.22 11.04
N GLU A 321 -0.85 2.39 11.77
CA GLU A 321 -0.87 0.93 11.51
C GLU A 321 -1.93 0.24 12.37
N ILE A 322 -3.20 0.51 12.04
CA ILE A 322 -4.33 -0.09 12.77
C ILE A 322 -4.29 -1.60 12.68
N HIS A 323 -3.80 -2.16 11.58
CA HIS A 323 -3.76 -3.60 11.39
C HIS A 323 -2.68 -4.28 12.21
N ASN A 324 -1.74 -3.51 12.76
CA ASN A 324 -0.72 -4.06 13.65
C ASN A 324 -0.99 -3.79 15.13
N ASP A 325 -1.67 -2.70 15.46
CA ASP A 325 -2.06 -2.42 16.84
C ASP A 325 -2.75 -3.64 17.46
N ARG A 326 -2.17 -4.18 18.54
CA ARG A 326 -2.57 -5.52 18.99
C ARG A 326 -3.92 -5.53 19.66
N ASP A 327 -4.37 -4.39 20.19
CA ASP A 327 -5.66 -4.35 20.85
C ASP A 327 -6.82 -4.37 19.85
N ILE A 328 -6.59 -4.03 18.59
CA ILE A 328 -7.64 -4.06 17.56
C ILE A 328 -7.31 -4.93 16.37
N ARG A 329 -6.11 -5.53 16.31
CA ARG A 329 -5.70 -6.24 15.10
C ARG A 329 -6.72 -7.30 14.68
N ASP A 330 -7.20 -8.11 15.62
CA ASP A 330 -8.12 -9.17 15.23
C ASP A 330 -9.43 -8.58 14.69
N GLU A 331 -9.94 -7.53 15.35
CA GLU A 331 -11.13 -6.83 14.84
C GLU A 331 -10.90 -6.26 13.45
N VAL A 332 -9.72 -5.68 13.22
CA VAL A 332 -9.44 -5.10 11.90
C VAL A 332 -9.47 -6.18 10.83
N GLU A 333 -8.78 -7.30 11.10
CA GLU A 333 -8.74 -8.40 10.15
C GLU A 333 -10.13 -9.00 9.92
N GLU A 334 -10.90 -9.18 11.01
CA GLU A 334 -12.22 -9.76 10.86
C GLU A 334 -13.12 -8.86 10.03
N GLY A 335 -12.95 -7.55 10.16
CA GLY A 335 -13.71 -6.61 9.34
C GLY A 335 -13.38 -6.75 7.86
N ILE A 336 -12.10 -6.89 7.54
CA ILE A 336 -11.72 -7.09 6.13
C ILE A 336 -12.34 -8.38 5.60
N ILE A 337 -12.24 -9.45 6.38
CA ILE A 337 -12.77 -10.75 5.95
C ILE A 337 -14.28 -10.68 5.81
N SER A 338 -14.96 -9.98 6.72
CA SER A 338 -16.41 -9.85 6.62
CA SER A 338 -16.41 -9.85 6.62
C SER A 338 -16.81 -9.09 5.36
N PHE A 339 -16.06 -8.04 5.01
CA PHE A 339 -16.31 -7.31 3.79
C PHE A 339 -16.20 -8.22 2.57
N ILE A 340 -15.11 -9.00 2.51
CA ILE A 340 -14.89 -9.91 1.39
C ILE A 340 -16.00 -10.97 1.35
N ASN A 341 -16.29 -11.58 2.49
CA ASN A 341 -17.33 -12.59 2.53
C ASN A 341 -18.68 -12.05 2.10
N GLY A 342 -18.96 -10.78 2.37
CA GLY A 342 -20.22 -10.21 1.95
C GLY A 342 -20.34 -10.10 0.45
N ILE A 343 -19.20 -10.05 -0.24
CA ILE A 343 -19.17 -9.96 -1.69
C ILE A 343 -19.18 -11.34 -2.35
N ILE A 344 -18.45 -12.31 -1.79
CA ILE A 344 -18.36 -13.63 -2.42
C ILE A 344 -19.72 -14.32 -2.40
N VAL A 345 -20.34 -14.42 -1.24
CA VAL A 345 -21.76 -14.76 -1.10
C VAL A 345 -22.26 -14.18 0.22
#